data_6W3R
#
_entry.id   6W3R
#
_cell.length_a   42.260
_cell.length_b   138.080
_cell.length_c   48.830
_cell.angle_alpha   90.000
_cell.angle_beta   93.820
_cell.angle_gamma   90.000
#
_symmetry.space_group_name_H-M   'P 1 21 1'
#
loop_
_entity.id
_entity.type
_entity.pdbx_description
1 polymer 'Methyl-accepting chemotaxis protein'
2 non-polymer 3-methyl-L-alloisoleucine
3 non-polymer 'SULFATE ION'
4 non-polymer 'CHLORIDE ION'
5 non-polymer 'SODIUM ION'
6 water water
#
_entity_poly.entity_id   1
_entity_poly.type   'polypeptide(L)'
_entity_poly.pdbx_seq_one_letter_code
;GIDPFTKTSLYESTLKNQTDLLKVTQSTVEDFRSTNQSFTRALEKDIANLPYQSLITEENIINNVGPILKYYRHSINALN
VYLGLNNGKVLLSQKSNDAKMPELRDDLDIKTKDWYQEALKTNDIFVTPAYLDTVLKQYVITYSKAIYKDGKIIGVLGVD
IPSEDLQNLVAKTPGNTFLFDQKNKIFAATNKELLNPSIDHSPVLNAYKLNGDNNFFSYKLNNEERLGACTKVFAYTACI
TESADIINKPIYKA
;
_entity_poly.pdbx_strand_id   A,B
#
loop_
_chem_comp.id
_chem_comp.type
_chem_comp.name
_chem_comp.formula
CL non-polymer 'CHLORIDE ION' 'Cl -1'
NA non-polymer 'SODIUM ION' 'Na 1'
SO4 non-polymer 'SULFATE ION' 'O4 S -2'
#
# COMPACT_ATOMS: atom_id res chain seq x y z
N ASP A 3 2.49 42.07 14.15
CA ASP A 3 3.90 42.39 13.77
C ASP A 3 4.25 41.51 12.59
N PRO A 4 4.67 42.13 11.48
CA PRO A 4 4.96 41.36 10.26
C PRO A 4 5.81 40.11 10.54
N PHE A 5 6.74 40.22 11.48
CA PHE A 5 7.64 39.13 11.78
C PHE A 5 6.86 37.91 12.21
N THR A 6 5.86 38.15 13.06
CA THR A 6 5.08 37.03 13.60
C THR A 6 4.16 36.41 12.53
N LYS A 7 3.55 37.27 11.70
CA LYS A 7 2.61 36.81 10.66
C LYS A 7 3.41 36.00 9.64
N THR A 8 4.59 36.48 9.30
CA THR A 8 5.47 35.72 8.40
C THR A 8 5.81 34.36 8.99
N SER A 9 6.03 34.26 10.30
CA SER A 9 6.48 33.00 10.87
C SER A 9 5.32 32.00 10.83
N LEU A 10 4.11 32.49 11.06
CA LEU A 10 2.91 31.66 11.01
C LEU A 10 2.59 31.24 9.58
N TYR A 11 2.75 32.16 8.63
CA TYR A 11 2.54 31.85 7.21
C TYR A 11 3.53 30.77 6.70
N GLU A 12 4.79 30.96 7.04
CA GLU A 12 5.80 30.00 6.64
C GLU A 12 5.55 28.61 7.25
N SER A 13 5.11 28.57 8.50
CA SER A 13 4.83 27.31 9.18
C SER A 13 3.64 26.58 8.54
N THR A 14 2.58 27.32 8.27
CA THR A 14 1.39 26.65 7.85
C THR A 14 1.55 26.22 6.39
N LEU A 15 2.28 27.00 5.62
CA LEU A 15 2.64 26.64 4.25
C LEU A 15 3.38 25.28 4.26
N LYS A 16 4.40 25.17 5.09
CA LYS A 16 5.14 23.92 5.19
C LYS A 16 4.21 22.76 5.55
N ASN A 17 3.39 22.97 6.57
CA ASN A 17 2.53 21.91 7.08
C ASN A 17 1.57 21.42 5.94
N GLN A 18 0.95 22.38 5.27
CA GLN A 18 -0.07 22.11 4.28
C GLN A 18 0.56 21.51 3.02
N THR A 19 1.76 21.96 2.70
N THR A 19 1.79 21.88 2.68
CA THR A 19 2.55 21.35 1.63
CA THR A 19 2.44 21.24 1.54
C THR A 19 2.83 19.86 1.91
C THR A 19 3.00 19.85 1.85
N ASP A 20 3.31 19.57 3.12
CA ASP A 20 3.50 18.18 3.57
C ASP A 20 2.26 17.33 3.38
N LEU A 21 1.14 17.85 3.88
CA LEU A 21 -0.09 17.11 3.80
C LEU A 21 -0.55 16.89 2.37
N LEU A 22 -0.44 17.91 1.54
CA LEU A 22 -0.68 17.72 0.11
C LEU A 22 0.17 16.61 -0.49
N LYS A 23 1.44 16.55 -0.12
CA LYS A 23 2.33 15.53 -0.59
C LYS A 23 1.94 14.11 -0.15
N VAL A 24 1.34 14.01 1.05
CA VAL A 24 0.84 12.70 1.51
C VAL A 24 -0.29 12.23 0.59
N THR A 25 -1.19 13.15 0.22
CA THR A 25 -2.30 12.76 -0.69
C THR A 25 -1.76 12.39 -2.10
N GLN A 26 -0.77 13.14 -2.57
CA GLN A 26 -0.13 12.82 -3.83
C GLN A 26 0.48 11.41 -3.78
N SER A 27 1.20 11.11 -2.72
CA SER A 27 1.82 9.80 -2.53
C SER A 27 0.78 8.68 -2.50
N THR A 28 -0.35 8.95 -1.88
CA THR A 28 -1.40 7.93 -1.79
C THR A 28 -1.86 7.56 -3.19
N VAL A 29 -2.07 8.57 -4.02
CA VAL A 29 -2.52 8.32 -5.38
C VAL A 29 -1.40 7.55 -6.17
N GLU A 30 -0.15 7.97 -6.02
CA GLU A 30 0.96 7.35 -6.73
C GLU A 30 1.14 5.89 -6.32
N ASP A 31 1.00 5.61 -5.02
CA ASP A 31 1.23 4.26 -4.53
C ASP A 31 0.11 3.30 -4.91
N PHE A 32 -1.12 3.82 -4.97
CA PHE A 32 -2.26 3.02 -5.43
C PHE A 32 -2.00 2.59 -6.87
N ARG A 33 -1.60 3.55 -7.71
CA ARG A 33 -1.35 3.22 -9.11
C ARG A 33 -0.22 2.23 -9.27
N SER A 34 0.90 2.53 -8.61
N SER A 34 0.92 2.50 -8.62
N SER A 34 0.91 2.51 -8.61
CA SER A 34 2.11 1.71 -8.76
CA SER A 34 2.08 1.65 -8.85
CA SER A 34 2.12 1.72 -8.75
C SER A 34 1.85 0.26 -8.36
C SER A 34 1.88 0.23 -8.35
C SER A 34 1.89 0.27 -8.34
N THR A 35 1.16 0.07 -7.25
CA THR A 35 0.84 -1.28 -6.76
C THR A 35 0.00 -2.07 -7.78
N ASN A 36 -0.94 -1.38 -8.40
CA ASN A 36 -1.78 -2.03 -9.41
C ASN A 36 -1.03 -2.32 -10.67
N GLN A 37 -0.13 -1.40 -11.04
CA GLN A 37 0.73 -1.64 -12.21
C GLN A 37 1.69 -2.82 -11.99
N SER A 38 2.30 -2.88 -10.81
N SER A 38 2.30 -2.93 -10.82
CA SER A 38 3.19 -4.00 -10.57
CA SER A 38 3.23 -4.04 -10.61
C SER A 38 2.43 -5.33 -10.65
C SER A 38 2.49 -5.39 -10.50
N PHE A 39 1.25 -5.36 -10.03
CA PHE A 39 0.42 -6.55 -10.06
C PHE A 39 0.10 -6.99 -11.50
N THR A 40 -0.25 -6.00 -12.31
CA THR A 40 -0.63 -6.24 -13.69
C THR A 40 0.57 -6.78 -14.48
N ARG A 41 1.75 -6.22 -14.21
N ARG A 41 1.75 -6.22 -14.19
CA ARG A 41 2.95 -6.64 -14.94
CA ARG A 41 2.97 -6.62 -14.88
C ARG A 41 3.37 -8.05 -14.51
C ARG A 41 3.31 -8.08 -14.52
N ALA A 42 3.15 -8.39 -13.25
CA ALA A 42 3.45 -9.76 -12.79
C ALA A 42 2.52 -10.78 -13.49
N LEU A 43 1.24 -10.43 -13.58
CA LEU A 43 0.28 -11.29 -14.20
C LEU A 43 0.60 -11.47 -15.71
N GLU A 44 0.93 -10.38 -16.40
CA GLU A 44 1.39 -10.47 -17.78
C GLU A 44 2.53 -11.51 -17.89
N LYS A 45 3.53 -11.37 -17.03
CA LYS A 45 4.72 -12.23 -17.12
C LYS A 45 4.32 -13.71 -16.92
N ASP A 46 3.41 -13.97 -15.99
CA ASP A 46 3.04 -15.37 -15.74
C ASP A 46 2.22 -15.95 -16.89
N ILE A 47 1.40 -15.13 -17.55
CA ILE A 47 0.64 -15.61 -18.71
C ILE A 47 1.56 -15.86 -19.90
N ALA A 48 2.46 -14.91 -20.17
CA ALA A 48 3.33 -15.01 -21.33
C ALA A 48 4.38 -16.14 -21.16
N ASN A 49 4.66 -16.55 -19.93
N ASN A 49 4.62 -16.52 -19.91
CA ASN A 49 5.63 -17.64 -19.69
CA ASN A 49 5.55 -17.61 -19.58
C ASN A 49 4.98 -19.01 -19.85
C ASN A 49 4.99 -18.97 -20.04
N LEU A 50 3.69 -19.08 -20.14
CA LEU A 50 3.06 -20.37 -20.48
C LEU A 50 3.57 -20.77 -21.89
N PRO A 51 3.68 -22.07 -22.15
CA PRO A 51 3.98 -22.50 -23.53
C PRO A 51 2.92 -22.09 -24.50
N TYR A 52 3.34 -21.87 -25.74
CA TYR A 52 2.39 -21.49 -26.77
C TYR A 52 1.24 -22.47 -26.79
N GLN A 53 1.52 -23.77 -26.67
CA GLN A 53 0.42 -24.71 -26.76
C GLN A 53 -0.70 -24.43 -25.78
N SER A 54 -0.35 -23.87 -24.62
CA SER A 54 -1.34 -23.55 -23.60
C SER A 54 -2.17 -22.32 -23.88
N LEU A 55 -1.78 -21.54 -24.91
CA LEU A 55 -2.34 -20.25 -25.22
C LEU A 55 -3.12 -20.18 -26.52
N ILE A 56 -3.01 -21.22 -27.35
CA ILE A 56 -3.45 -21.12 -28.73
C ILE A 56 -4.74 -21.83 -29.05
N THR A 57 -5.37 -22.47 -28.07
CA THR A 57 -6.78 -22.85 -28.24
C THR A 57 -7.58 -22.27 -27.08
N GLU A 58 -8.83 -21.93 -27.38
CA GLU A 58 -9.71 -21.32 -26.38
C GLU A 58 -9.89 -22.22 -25.16
N GLU A 59 -10.02 -23.52 -25.37
CA GLU A 59 -10.15 -24.42 -24.25
C GLU A 59 -8.89 -24.41 -23.37
N ASN A 60 -7.71 -24.33 -24.01
CA ASN A 60 -6.48 -24.30 -23.26
C ASN A 60 -6.35 -22.98 -22.51
N ILE A 61 -6.77 -21.86 -23.15
CA ILE A 61 -6.81 -20.56 -22.45
C ILE A 61 -7.69 -20.68 -21.16
N ILE A 62 -8.89 -21.28 -21.30
CA ILE A 62 -9.78 -21.44 -20.14
C ILE A 62 -9.05 -22.17 -19.05
N ASN A 63 -8.51 -23.34 -19.40
CA ASN A 63 -7.97 -24.25 -18.39
C ASN A 63 -6.59 -23.83 -17.83
N ASN A 64 -5.79 -23.10 -18.63
CA ASN A 64 -4.45 -22.74 -18.22
C ASN A 64 -4.31 -21.33 -17.73
N VAL A 65 -4.95 -20.39 -18.42
CA VAL A 65 -4.93 -19.01 -18.01
C VAL A 65 -5.96 -18.74 -16.88
N GLY A 66 -7.13 -19.36 -16.99
CA GLY A 66 -8.19 -19.10 -16.01
C GLY A 66 -7.76 -19.19 -14.54
N PRO A 67 -7.05 -20.26 -14.16
CA PRO A 67 -6.65 -20.35 -12.75
C PRO A 67 -5.72 -19.18 -12.34
N ILE A 68 -4.82 -18.77 -13.24
CA ILE A 68 -3.93 -17.65 -12.95
C ILE A 68 -4.72 -16.38 -12.72
N LEU A 69 -5.70 -16.10 -13.58
CA LEU A 69 -6.56 -14.93 -13.37
C LEU A 69 -7.24 -14.98 -12.00
N LYS A 70 -7.77 -16.16 -11.66
CA LYS A 70 -8.50 -16.30 -10.41
C LYS A 70 -7.60 -16.08 -9.19
N TYR A 71 -6.44 -16.75 -9.16
CA TYR A 71 -5.57 -16.55 -8.03
C TYR A 71 -5.13 -15.08 -7.88
N TYR A 72 -4.70 -14.49 -9.01
CA TYR A 72 -4.32 -13.08 -8.98
C TYR A 72 -5.49 -12.23 -8.49
N ARG A 73 -6.69 -12.47 -9.01
CA ARG A 73 -7.85 -11.69 -8.54
C ARG A 73 -8.03 -11.78 -7.02
N HIS A 74 -7.98 -13.01 -6.52
CA HIS A 74 -8.13 -13.20 -5.08
C HIS A 74 -7.03 -12.53 -4.29
N SER A 75 -5.79 -12.60 -4.80
CA SER A 75 -4.64 -12.09 -4.04
C SER A 75 -4.77 -10.63 -3.67
N ILE A 76 -5.38 -9.84 -4.56
N ILE A 76 -5.38 -9.80 -4.52
CA ILE A 76 -5.51 -8.39 -4.39
CA ILE A 76 -5.54 -8.39 -4.20
C ILE A 76 -6.99 -7.97 -4.17
C ILE A 76 -7.01 -7.96 -4.06
N ASN A 77 -7.92 -8.93 -4.14
CA ASN A 77 -9.37 -8.62 -4.07
C ASN A 77 -9.74 -7.64 -5.17
N ALA A 78 -9.32 -7.94 -6.40
CA ALA A 78 -9.80 -7.21 -7.57
C ALA A 78 -11.26 -7.59 -7.88
N LEU A 79 -11.93 -6.73 -8.61
CA LEU A 79 -13.32 -6.96 -8.98
C LEU A 79 -13.39 -7.94 -10.16
N ASN A 80 -12.60 -7.67 -11.20
CA ASN A 80 -12.55 -8.50 -12.41
C ASN A 80 -11.11 -8.59 -12.89
N VAL A 81 -10.69 -9.75 -13.35
CA VAL A 81 -9.40 -9.96 -14.01
C VAL A 81 -9.70 -10.82 -15.24
N TYR A 82 -9.15 -10.44 -16.39
CA TYR A 82 -9.62 -10.98 -17.63
C TYR A 82 -8.63 -10.91 -18.76
N LEU A 83 -8.89 -11.70 -19.78
CA LEU A 83 -8.04 -11.71 -20.97
C LEU A 83 -8.89 -11.65 -22.22
N GLY A 84 -8.79 -10.54 -22.96
CA GLY A 84 -9.62 -10.36 -24.17
C GLY A 84 -8.86 -10.76 -25.42
N LEU A 85 -9.53 -11.52 -26.29
CA LEU A 85 -8.92 -12.08 -27.49
C LEU A 85 -9.40 -11.37 -28.74
N ASN A 86 -8.63 -11.53 -29.81
CA ASN A 86 -8.91 -10.82 -31.07
C ASN A 86 -10.19 -11.31 -31.75
N ASN A 87 -10.72 -12.47 -31.33
CA ASN A 87 -12.00 -12.94 -31.83
C ASN A 87 -13.20 -12.32 -31.12
N GLY A 88 -12.91 -11.43 -30.17
CA GLY A 88 -13.95 -10.75 -29.42
C GLY A 88 -14.39 -11.45 -28.16
N LYS A 89 -13.87 -12.63 -27.89
CA LYS A 89 -14.17 -13.30 -26.61
C LYS A 89 -13.24 -12.81 -25.52
N VAL A 90 -13.74 -12.87 -24.30
CA VAL A 90 -12.95 -12.53 -23.11
C VAL A 90 -13.08 -13.61 -22.06
N LEU A 91 -11.92 -14.06 -21.57
CA LEU A 91 -11.89 -14.97 -20.42
C LEU A 91 -11.97 -14.14 -19.15
N LEU A 92 -13.04 -14.31 -18.41
CA LEU A 92 -13.38 -13.44 -17.31
C LEU A 92 -13.39 -14.15 -15.99
N SER A 93 -12.60 -13.65 -15.03
CA SER A 93 -12.68 -14.05 -13.62
C SER A 93 -13.27 -12.92 -12.86
N GLN A 94 -14.48 -13.13 -12.35
CA GLN A 94 -15.21 -12.06 -11.71
C GLN A 94 -15.52 -12.43 -10.29
N LYS A 95 -15.53 -11.41 -9.45
CA LYS A 95 -15.98 -11.57 -8.08
C LYS A 95 -17.47 -11.98 -8.04
N SER A 96 -17.79 -12.93 -7.15
CA SER A 96 -19.18 -13.32 -6.90
C SER A 96 -19.27 -14.19 -5.65
N ALA A 99 -18.18 -19.01 -6.85
CA ALA A 99 -16.85 -19.61 -6.97
C ALA A 99 -16.72 -20.41 -8.26
N LYS A 100 -17.55 -20.08 -9.26
CA LYS A 100 -17.54 -20.80 -10.55
C LYS A 100 -16.26 -20.42 -11.30
N MET A 101 -15.68 -21.36 -12.06
CA MET A 101 -14.43 -21.05 -12.74
C MET A 101 -14.62 -19.95 -13.80
N PRO A 102 -13.52 -19.33 -14.21
CA PRO A 102 -13.63 -18.30 -15.24
C PRO A 102 -14.21 -18.85 -16.53
N GLU A 103 -15.03 -18.04 -17.18
CA GLU A 103 -15.66 -18.48 -18.42
C GLU A 103 -15.39 -17.51 -19.56
N LEU A 104 -15.62 -18.00 -20.77
N LEU A 104 -15.38 -18.09 -20.76
CA LEU A 104 -15.17 -17.32 -21.95
CA LEU A 104 -15.25 -17.31 -21.97
C LEU A 104 -16.41 -16.67 -22.59
C LEU A 104 -16.57 -16.65 -22.24
N ARG A 105 -16.53 -15.34 -22.44
CA ARG A 105 -17.76 -14.60 -22.72
C ARG A 105 -17.65 -13.97 -24.09
N ASP A 106 -18.67 -14.16 -24.93
CA ASP A 106 -18.69 -13.53 -26.26
C ASP A 106 -19.57 -12.27 -26.39
N ASP A 107 -20.18 -11.81 -25.29
CA ASP A 107 -21.24 -10.80 -25.29
C ASP A 107 -20.84 -9.46 -24.67
N LEU A 108 -19.54 -9.23 -24.47
CA LEU A 108 -19.14 -8.05 -23.70
C LEU A 108 -18.49 -6.98 -24.57
N ASP A 109 -18.58 -7.12 -25.90
CA ASP A 109 -18.23 -6.02 -26.86
C ASP A 109 -16.87 -5.41 -26.62
N ILE A 110 -15.87 -6.26 -26.50
CA ILE A 110 -14.62 -5.81 -25.94
C ILE A 110 -13.86 -4.90 -26.87
N LYS A 111 -14.03 -5.06 -28.18
CA LYS A 111 -13.30 -4.18 -29.10
C LYS A 111 -13.82 -2.75 -29.15
N THR A 112 -14.96 -2.50 -28.52
CA THR A 112 -15.49 -1.12 -28.41
C THR A 112 -14.87 -0.40 -27.20
N LYS A 113 -14.17 -1.15 -26.34
CA LYS A 113 -13.73 -0.56 -25.09
C LYS A 113 -12.36 0.13 -25.20
N ASP A 114 -12.21 1.23 -24.50
CA ASP A 114 -10.91 1.89 -24.43
C ASP A 114 -9.83 1.07 -23.75
N TRP A 115 -10.16 0.24 -22.77
CA TRP A 115 -9.11 -0.55 -22.15
C TRP A 115 -8.51 -1.53 -23.14
N TYR A 116 -9.32 -2.00 -24.10
CA TYR A 116 -8.88 -2.93 -25.12
C TYR A 116 -8.13 -2.18 -26.22
N GLN A 117 -8.79 -1.16 -26.78
CA GLN A 117 -8.22 -0.43 -27.89
C GLN A 117 -6.87 0.21 -27.51
N GLU A 118 -6.84 0.84 -26.36
CA GLU A 118 -5.71 1.63 -25.98
C GLU A 118 -4.52 0.77 -25.59
N ALA A 119 -4.75 -0.44 -25.09
CA ALA A 119 -3.66 -1.35 -24.80
C ALA A 119 -2.91 -1.73 -26.06
N LEU A 120 -3.61 -1.76 -27.19
CA LEU A 120 -2.96 -2.15 -28.46
C LEU A 120 -2.21 -1.00 -29.08
N LYS A 121 -2.33 0.21 -28.52
CA LYS A 121 -1.71 1.41 -29.09
C LYS A 121 -0.47 1.87 -28.29
N THR A 122 -0.18 1.19 -27.17
CA THR A 122 0.97 1.48 -26.33
C THR A 122 1.57 0.12 -25.88
N ASN A 123 2.88 0.11 -25.61
CA ASN A 123 3.52 -1.01 -25.00
C ASN A 123 3.55 -0.96 -23.47
N ASP A 124 2.96 0.09 -22.89
CA ASP A 124 2.79 0.23 -21.47
C ASP A 124 1.47 -0.34 -21.01
N ILE A 125 1.32 -0.37 -19.71
CA ILE A 125 0.02 -0.53 -19.10
C ILE A 125 -0.78 0.73 -19.35
N PHE A 126 -2.05 0.56 -19.72
CA PHE A 126 -3.01 1.64 -19.89
C PHE A 126 -3.85 1.72 -18.62
N VAL A 127 -4.17 2.92 -18.17
CA VAL A 127 -5.03 3.13 -17.01
C VAL A 127 -6.23 3.98 -17.41
N THR A 128 -7.43 3.41 -17.27
CA THR A 128 -8.64 4.11 -17.64
C THR A 128 -9.00 5.17 -16.59
N PRO A 129 -9.77 6.19 -16.99
CA PRO A 129 -10.57 6.90 -15.98
C PRO A 129 -11.57 5.99 -15.34
N ALA A 130 -12.10 6.39 -14.21
CA ALA A 130 -13.11 5.55 -13.57
C ALA A 130 -14.35 5.48 -14.46
N TYR A 131 -14.98 4.32 -14.48
CA TYR A 131 -16.19 4.12 -15.27
C TYR A 131 -16.98 2.95 -14.73
N LEU A 132 -18.22 2.86 -15.14
CA LEU A 132 -19.11 1.84 -14.63
C LEU A 132 -18.90 0.50 -15.34
N ASP A 133 -18.38 -0.47 -14.61
CA ASP A 133 -18.20 -1.81 -15.17
C ASP A 133 -19.56 -2.38 -15.53
N THR A 134 -19.62 -2.93 -16.73
CA THR A 134 -20.81 -3.61 -17.26
CA THR A 134 -20.85 -3.57 -17.20
C THR A 134 -21.18 -4.92 -16.52
N VAL A 135 -20.18 -5.63 -16.01
CA VAL A 135 -20.46 -6.95 -15.44
C VAL A 135 -21.03 -6.87 -14.01
N LEU A 136 -20.36 -6.15 -13.14
CA LEU A 136 -20.75 -6.06 -11.73
C LEU A 136 -21.32 -4.69 -11.37
N LYS A 137 -21.38 -3.76 -12.31
CA LYS A 137 -22.02 -2.47 -12.07
C LYS A 137 -21.44 -1.78 -10.84
N GLN A 138 -20.11 -1.72 -10.84
CA GLN A 138 -19.38 -0.90 -9.89
C GLN A 138 -18.45 0.02 -10.66
N TYR A 139 -18.15 1.17 -10.08
CA TYR A 139 -17.18 2.07 -10.69
C TYR A 139 -15.76 1.56 -10.46
N VAL A 140 -15.05 1.38 -11.58
CA VAL A 140 -13.71 0.80 -11.55
C VAL A 140 -12.71 1.67 -12.27
N ILE A 141 -11.45 1.45 -11.88
CA ILE A 141 -10.29 1.87 -12.68
C ILE A 141 -9.73 0.57 -13.26
N THR A 142 -9.52 0.58 -14.57
CA THR A 142 -9.01 -0.59 -15.28
C THR A 142 -7.57 -0.37 -15.67
N TYR A 143 -6.76 -1.37 -15.41
CA TYR A 143 -5.37 -1.46 -15.84
C TYR A 143 -5.36 -2.52 -16.95
N SER A 144 -4.89 -2.14 -18.13
CA SER A 144 -4.83 -3.08 -19.24
C SER A 144 -3.45 -3.16 -19.88
N LYS A 145 -3.14 -4.30 -20.47
CA LYS A 145 -1.82 -4.54 -21.03
C LYS A 145 -1.94 -5.61 -22.14
N ALA A 146 -1.45 -5.27 -23.32
CA ALA A 146 -1.38 -6.24 -24.42
C ALA A 146 -0.25 -7.21 -24.11
N ILE A 147 -0.58 -8.50 -24.11
N ILE A 147 -0.59 -8.49 -24.05
CA ILE A 147 0.35 -9.55 -23.74
CA ILE A 147 0.38 -9.52 -23.74
C ILE A 147 0.93 -10.18 -25.01
C ILE A 147 0.93 -10.11 -25.02
N TYR A 148 2.26 -10.12 -25.15
CA TYR A 148 2.94 -10.67 -26.30
C TYR A 148 3.84 -11.81 -25.83
N LYS A 149 3.86 -12.89 -26.61
CA LYS A 149 4.86 -13.93 -26.36
C LYS A 149 5.75 -14.03 -27.60
N ASP A 150 7.04 -13.78 -27.40
CA ASP A 150 7.98 -13.68 -28.47
C ASP A 150 7.40 -12.94 -29.68
N GLY A 151 6.82 -11.78 -29.40
CA GLY A 151 6.45 -10.80 -30.43
C GLY A 151 5.01 -10.99 -30.92
N LYS A 152 4.41 -12.08 -30.47
CA LYS A 152 3.12 -12.48 -30.97
C LYS A 152 2.02 -12.11 -29.96
N ILE A 153 0.99 -11.37 -30.39
N ILE A 153 1.04 -11.28 -30.33
CA ILE A 153 -0.05 -10.94 -29.46
CA ILE A 153 -0.02 -10.93 -29.38
C ILE A 153 -0.93 -12.12 -29.03
C ILE A 153 -0.86 -12.14 -29.02
N ILE A 154 -1.08 -12.29 -27.72
CA ILE A 154 -1.96 -13.33 -27.19
C ILE A 154 -3.36 -12.77 -26.91
N GLY A 155 -3.41 -11.62 -26.26
CA GLY A 155 -4.63 -10.88 -26.02
C GLY A 155 -4.35 -9.68 -25.13
N VAL A 156 -5.40 -9.02 -24.66
CA VAL A 156 -5.29 -7.83 -23.82
C VAL A 156 -5.75 -8.22 -22.42
N LEU A 157 -4.82 -8.16 -21.47
CA LEU A 157 -5.11 -8.38 -20.06
C LEU A 157 -5.82 -7.15 -19.51
N GLY A 158 -6.80 -7.37 -18.64
CA GLY A 158 -7.46 -6.29 -17.89
C GLY A 158 -7.63 -6.64 -16.44
N VAL A 159 -7.49 -5.62 -15.60
CA VAL A 159 -7.68 -5.75 -14.16
C VAL A 159 -8.55 -4.56 -13.70
N ASP A 160 -9.71 -4.82 -13.11
CA ASP A 160 -10.59 -3.80 -12.63
C ASP A 160 -10.48 -3.71 -11.12
N ILE A 161 -10.16 -2.53 -10.64
CA ILE A 161 -10.08 -2.24 -9.23
C ILE A 161 -11.18 -1.18 -8.93
N PRO A 162 -11.98 -1.40 -7.86
CA PRO A 162 -13.03 -0.43 -7.55
C PRO A 162 -12.40 0.93 -7.30
N SER A 163 -12.98 1.97 -7.91
CA SER A 163 -12.49 3.33 -7.69
C SER A 163 -12.69 3.75 -6.25
N GLU A 164 -13.66 3.14 -5.58
CA GLU A 164 -13.88 3.38 -4.16
C GLU A 164 -12.61 3.10 -3.34
N ASP A 165 -11.80 2.16 -3.81
CA ASP A 165 -10.63 1.83 -3.02
C ASP A 165 -9.69 3.03 -2.95
N LEU A 166 -9.55 3.73 -4.06
CA LEU A 166 -8.69 4.91 -4.05
C LEU A 166 -9.38 6.05 -3.27
N GLN A 167 -10.70 6.20 -3.49
CA GLN A 167 -11.44 7.23 -2.77
C GLN A 167 -11.25 7.09 -1.27
N ASN A 168 -11.38 5.85 -0.78
CA ASN A 168 -11.27 5.56 0.64
C ASN A 168 -9.85 5.82 1.18
N LEU A 169 -8.83 5.49 0.38
CA LEU A 169 -7.45 5.80 0.79
C LEU A 169 -7.24 7.31 0.94
N VAL A 170 -7.70 8.06 -0.07
CA VAL A 170 -7.55 9.51 -0.01
C VAL A 170 -8.29 10.08 1.19
N ALA A 171 -9.53 9.64 1.42
CA ALA A 171 -10.32 10.19 2.48
C ALA A 171 -9.65 10.03 3.82
N LYS A 172 -8.89 8.94 4.01
CA LYS A 172 -8.26 8.63 5.31
C LYS A 172 -7.06 9.52 5.63
N THR A 173 -6.48 10.19 4.62
CA THR A 173 -5.27 10.96 4.82
C THR A 173 -5.57 12.15 5.74
N PRO A 174 -4.53 12.64 6.43
CA PRO A 174 -4.69 13.84 7.20
C PRO A 174 -4.90 15.06 6.31
N GLY A 175 -5.41 16.13 6.91
CA GLY A 175 -5.62 17.37 6.18
C GLY A 175 -6.90 17.41 5.36
N ASN A 176 -7.28 18.63 5.02
CA ASN A 176 -8.46 18.86 4.22
C ASN A 176 -8.07 18.75 2.75
N THR A 177 -7.77 17.52 2.35
CA THR A 177 -7.27 17.23 1.01
C THR A 177 -8.39 16.59 0.19
N PHE A 178 -8.30 16.76 -1.11
CA PHE A 178 -9.31 16.29 -2.07
C PHE A 178 -8.72 16.14 -3.47
N LEU A 179 -9.39 15.37 -4.33
CA LEU A 179 -8.95 15.10 -5.68
C LEU A 179 -10.12 15.44 -6.60
N PHE A 180 -9.71 15.94 -7.76
CA PHE A 180 -10.51 16.11 -8.94
C PHE A 180 -10.06 15.13 -10.00
N ASP A 181 -11.01 14.60 -10.76
CA ASP A 181 -10.72 13.83 -11.94
C ASP A 181 -10.38 14.70 -13.15
N GLN A 182 -10.09 14.05 -14.27
CA GLN A 182 -9.62 14.73 -15.49
C GLN A 182 -10.61 15.79 -15.98
N LYS A 183 -11.87 15.63 -15.59
CA LYS A 183 -12.93 16.55 -15.99
C LYS A 183 -13.16 17.63 -14.96
N ASN A 184 -12.26 17.73 -13.97
CA ASN A 184 -12.39 18.70 -12.86
C ASN A 184 -13.70 18.51 -12.09
N LYS A 185 -14.15 17.27 -12.02
CA LYS A 185 -15.23 16.89 -11.11
C LYS A 185 -14.60 16.30 -9.86
N ILE A 186 -15.19 16.63 -8.72
CA ILE A 186 -14.68 16.15 -7.48
C ILE A 186 -14.75 14.61 -7.51
N PHE A 187 -13.71 13.97 -7.01
CA PHE A 187 -13.56 12.52 -7.08
C PHE A 187 -13.39 11.92 -5.68
N ALA A 188 -12.59 12.55 -4.81
CA ALA A 188 -12.38 12.03 -3.48
C ALA A 188 -12.14 13.20 -2.52
N ALA A 189 -12.38 12.99 -1.23
CA ALA A 189 -12.17 14.03 -0.21
C ALA A 189 -12.15 13.45 1.19
N THR A 190 -11.29 14.01 2.02
CA THR A 190 -11.32 13.76 3.43
C THR A 190 -12.63 14.20 4.08
N ASN A 191 -13.14 15.38 3.70
CA ASN A 191 -14.39 15.84 4.26
C ASN A 191 -15.44 15.49 3.20
N LYS A 192 -16.25 14.51 3.55
CA LYS A 192 -17.25 13.95 2.63
C LYS A 192 -18.24 14.98 2.08
N GLU A 193 -18.39 16.12 2.73
CA GLU A 193 -19.29 17.15 2.19
C GLU A 193 -18.81 17.78 0.88
N LEU A 194 -17.50 17.81 0.67
CA LEU A 194 -16.97 18.34 -0.58
C LEU A 194 -17.43 17.57 -1.83
N LEU A 195 -17.89 16.34 -1.61
CA LEU A 195 -18.36 15.48 -2.70
C LEU A 195 -19.76 15.85 -3.23
N ASN A 196 -20.45 16.77 -2.56
CA ASN A 196 -21.73 17.27 -3.08
C ASN A 196 -21.45 17.82 -4.46
N PRO A 197 -22.17 17.36 -5.48
CA PRO A 197 -21.98 17.77 -6.87
C PRO A 197 -22.34 19.21 -7.18
N SER A 198 -23.08 19.81 -6.27
CA SER A 198 -23.49 21.20 -6.39
C SER A 198 -22.52 22.24 -5.83
N ILE A 199 -21.53 21.78 -5.08
CA ILE A 199 -20.45 22.67 -4.62
C ILE A 199 -19.67 23.21 -5.82
N ASP A 200 -19.54 24.53 -5.86
CA ASP A 200 -18.66 25.20 -6.81
C ASP A 200 -17.19 25.21 -6.34
N HIS A 201 -16.31 24.62 -7.14
CA HIS A 201 -14.88 24.64 -6.84
C HIS A 201 -14.06 25.60 -7.70
N SER A 202 -14.71 26.52 -8.41
CA SER A 202 -13.99 27.46 -9.28
C SER A 202 -12.90 28.27 -8.58
N PRO A 203 -13.16 28.80 -7.37
CA PRO A 203 -12.15 29.60 -6.70
C PRO A 203 -10.83 28.86 -6.59
N VAL A 204 -10.89 27.64 -6.05
N VAL A 204 -10.87 27.63 -6.09
CA VAL A 204 -9.73 26.82 -5.89
CA VAL A 204 -9.64 26.86 -5.88
C VAL A 204 -9.14 26.50 -7.25
C VAL A 204 -9.10 26.36 -7.22
N LEU A 205 -9.97 26.00 -8.15
CA LEU A 205 -9.49 25.61 -9.48
C LEU A 205 -8.89 26.80 -10.21
N ASN A 206 -9.50 27.98 -10.03
CA ASN A 206 -8.96 29.18 -10.67
C ASN A 206 -7.64 29.60 -10.05
N ALA A 207 -7.55 29.48 -8.72
CA ALA A 207 -6.31 29.86 -8.05
C ALA A 207 -5.20 28.87 -8.39
N TYR A 208 -5.53 27.60 -8.57
CA TYR A 208 -4.54 26.64 -9.03
C TYR A 208 -4.01 26.96 -10.44
N LYS A 209 -4.91 27.27 -11.37
CA LYS A 209 -4.50 27.61 -12.74
C LYS A 209 -3.58 28.83 -12.73
N LEU A 210 -3.85 29.80 -11.86
CA LEU A 210 -3.01 31.02 -11.79
C LEU A 210 -1.64 30.72 -11.15
N ASN A 211 -1.60 29.82 -10.17
CA ASN A 211 -0.43 29.69 -9.30
C ASN A 211 0.49 28.49 -9.66
N GLY A 212 -0.10 27.40 -10.13
CA GLY A 212 0.68 26.28 -10.58
C GLY A 212 0.86 25.23 -9.50
N ASP A 213 1.57 24.16 -9.81
CA ASP A 213 1.67 23.01 -8.90
C ASP A 213 2.38 23.40 -7.63
N ASN A 214 1.73 23.12 -6.50
CA ASN A 214 2.36 23.17 -5.18
C ASN A 214 2.65 24.59 -4.71
N ASN A 215 2.06 25.57 -5.38
CA ASN A 215 2.25 26.97 -5.10
C ASN A 215 1.04 27.47 -4.33
N PHE A 216 1.33 27.94 -3.16
CA PHE A 216 0.37 28.13 -2.13
C PHE A 216 -0.32 29.46 -2.41
N PHE A 217 -1.64 29.54 -2.23
CA PHE A 217 -2.44 30.75 -2.58
C PHE A 217 -3.48 31.12 -1.52
N SER A 218 -3.97 32.35 -1.61
CA SER A 218 -5.06 32.87 -0.77
C SER A 218 -6.29 32.98 -1.67
N TYR A 219 -7.48 32.71 -1.10
CA TYR A 219 -8.74 32.91 -1.77
C TYR A 219 -9.83 33.16 -0.74
N LYS A 220 -11.04 33.52 -1.18
CA LYS A 220 -12.13 33.87 -0.26
C LYS A 220 -13.27 32.87 -0.32
N LEU A 221 -13.89 32.68 0.84
CA LEU A 221 -15.12 31.89 0.98
C LEU A 221 -16.02 32.63 2.00
N ASN A 222 -17.22 33.04 1.58
CA ASN A 222 -18.16 33.76 2.45
C ASN A 222 -17.52 34.99 3.11
N ASN A 223 -16.65 35.63 2.33
CA ASN A 223 -15.91 36.85 2.70
C ASN A 223 -14.76 36.58 3.67
N GLU A 224 -14.48 35.32 3.96
CA GLU A 224 -13.37 34.98 4.86
C GLU A 224 -12.22 34.46 4.02
N GLU A 225 -11.00 34.59 4.56
CA GLU A 225 -9.79 34.22 3.83
C GLU A 225 -9.44 32.77 4.09
N ARG A 226 -9.03 32.08 3.04
CA ARG A 226 -8.52 30.72 3.08
C ARG A 226 -7.19 30.60 2.36
N LEU A 227 -6.47 29.52 2.65
CA LEU A 227 -5.21 29.28 2.01
C LEU A 227 -5.28 27.88 1.41
N GLY A 228 -4.59 27.70 0.28
CA GLY A 228 -4.49 26.40 -0.33
C GLY A 228 -3.42 26.21 -1.37
N ALA A 229 -3.34 24.97 -1.86
CA ALA A 229 -2.50 24.63 -2.99
C ALA A 229 -3.02 23.39 -3.64
N CYS A 230 -2.71 23.25 -4.91
CA CYS A 230 -3.00 22.05 -5.66
C CYS A 230 -1.80 21.60 -6.48
N THR A 231 -1.82 20.35 -6.91
CA THR A 231 -0.88 19.86 -7.86
C THR A 231 -1.50 18.77 -8.72
N LYS A 232 -1.00 18.62 -9.95
CA LYS A 232 -1.41 17.51 -10.80
C LYS A 232 -0.78 16.23 -10.29
N VAL A 233 -1.58 15.17 -10.32
CA VAL A 233 -1.09 13.84 -10.01
C VAL A 233 -1.72 12.93 -11.05
N PHE A 234 -0.93 12.52 -12.03
CA PHE A 234 -1.44 11.85 -13.24
C PHE A 234 -2.48 12.76 -13.86
N ALA A 235 -3.67 12.27 -14.16
CA ALA A 235 -4.72 13.11 -14.68
C ALA A 235 -5.56 13.83 -13.62
N TYR A 236 -5.28 13.53 -12.34
CA TYR A 236 -6.04 14.09 -11.23
C TYR A 236 -5.42 15.43 -10.83
N THR A 237 -6.22 16.26 -10.20
CA THR A 237 -5.76 17.43 -9.49
C THR A 237 -5.97 17.19 -7.99
N ALA A 238 -4.89 17.20 -7.20
CA ALA A 238 -4.95 17.06 -5.73
C ALA A 238 -4.84 18.43 -5.10
N CYS A 239 -5.68 18.71 -4.10
CA CYS A 239 -5.71 20.02 -3.43
C CYS A 239 -5.79 19.88 -1.92
N ILE A 240 -5.36 20.93 -1.25
CA ILE A 240 -5.58 21.12 0.17
C ILE A 240 -5.99 22.59 0.38
N THR A 241 -6.93 22.81 1.29
CA THR A 241 -7.26 24.15 1.74
C THR A 241 -7.47 24.18 3.25
N GLU A 242 -7.35 25.37 3.81
CA GLU A 242 -7.58 25.59 5.22
C GLU A 242 -7.98 27.05 5.41
N SER A 243 -8.53 27.32 6.57
CA SER A 243 -8.79 28.70 6.98
C SER A 243 -7.49 29.48 7.18
N ALA A 244 -7.49 30.74 6.76
CA ALA A 244 -6.38 31.65 7.04
C ALA A 244 -6.39 32.22 8.47
N ASP A 245 -7.28 31.72 9.34
CA ASP A 245 -7.25 32.15 10.75
C ASP A 245 -5.88 31.94 11.40
N ILE A 246 -5.15 30.86 11.06
CA ILE A 246 -3.81 30.64 11.66
C ILE A 246 -2.86 31.82 11.41
N ILE A 247 -2.95 32.52 10.29
CA ILE A 247 -2.05 33.65 10.09
C ILE A 247 -2.68 34.96 10.51
N ASN A 248 -4.01 35.04 10.55
CA ASN A 248 -4.67 36.30 10.87
C ASN A 248 -5.02 36.52 12.36
N LYS A 249 -5.21 35.43 13.10
CA LYS A 249 -5.77 35.47 14.44
C LYS A 249 -4.87 34.71 15.41
N GLY B 1 10.23 28.24 34.80
CA GLY B 1 8.79 27.88 34.71
C GLY B 1 8.40 27.54 33.28
N ILE B 2 7.19 27.94 32.89
CA ILE B 2 6.71 27.61 31.59
C ILE B 2 7.44 28.46 30.55
N ASP B 3 8.01 27.75 29.57
CA ASP B 3 8.55 28.38 28.38
C ASP B 3 7.48 29.21 27.66
N PRO B 4 7.66 30.54 27.59
CA PRO B 4 6.66 31.39 26.93
C PRO B 4 6.26 31.00 25.48
N PHE B 5 7.21 30.42 24.76
CA PHE B 5 6.94 30.02 23.37
C PHE B 5 5.85 28.96 23.28
N THR B 6 5.70 28.18 24.34
CA THR B 6 4.73 27.11 24.32
C THR B 6 3.32 27.63 24.39
N LYS B 7 3.16 28.92 24.68
CA LYS B 7 1.84 29.53 24.68
C LYS B 7 1.45 30.18 23.35
N THR B 8 2.29 30.06 22.33
CA THR B 8 2.02 30.69 21.06
C THR B 8 1.19 29.80 20.11
N SER B 9 0.48 30.44 19.19
CA SER B 9 -0.23 29.74 18.16
C SER B 9 0.75 29.06 17.18
N LEU B 10 1.95 29.61 17.03
CA LEU B 10 2.96 28.99 16.20
C LEU B 10 3.40 27.65 16.81
N TYR B 11 3.64 27.63 18.12
CA TYR B 11 4.01 26.38 18.80
C TYR B 11 2.91 25.36 18.63
N GLU B 12 1.67 25.81 18.85
CA GLU B 12 0.52 24.89 18.75
C GLU B 12 0.43 24.29 17.33
N SER B 13 0.55 25.09 16.29
N SER B 13 0.47 25.15 16.33
CA SER B 13 0.43 24.57 14.93
CA SER B 13 0.54 24.76 14.90
C SER B 13 1.65 23.74 14.50
C SER B 13 1.60 23.69 14.66
N THR B 14 2.82 24.02 15.09
CA THR B 14 4.00 23.16 14.91
C THR B 14 3.79 21.76 15.49
N LEU B 15 3.26 21.69 16.70
CA LEU B 15 2.98 20.39 17.27
C LEU B 15 1.89 19.67 16.52
N LYS B 16 0.92 20.41 16.00
CA LYS B 16 -0.11 19.79 15.20
C LYS B 16 0.53 19.10 13.97
N ASN B 17 1.48 19.79 13.31
CA ASN B 17 2.15 19.25 12.11
C ASN B 17 2.89 17.99 12.49
N GLN B 18 3.55 18.02 13.64
CA GLN B 18 4.33 16.87 14.04
C GLN B 18 3.42 15.70 14.37
N THR B 19 2.28 15.97 15.00
CA THR B 19 1.32 14.93 15.29
C THR B 19 0.79 14.32 13.99
N ASP B 20 0.54 15.18 13.01
CA ASP B 20 -0.01 14.69 11.77
C ASP B 20 1.04 13.79 11.07
N LEU B 21 2.30 14.20 11.06
CA LEU B 21 3.32 13.40 10.40
C LEU B 21 3.61 12.10 11.14
N LEU B 22 3.52 12.13 12.47
CA LEU B 22 3.66 10.88 13.21
C LEU B 22 2.54 9.94 12.79
N LYS B 23 1.31 10.47 12.68
CA LYS B 23 0.18 9.60 12.33
C LYS B 23 0.33 8.99 10.92
N VAL B 24 0.96 9.70 10.00
CA VAL B 24 1.25 9.15 8.67
C VAL B 24 2.16 7.91 8.75
N THR B 25 3.14 7.98 9.62
CA THR B 25 4.01 6.85 9.82
C THR B 25 3.26 5.71 10.54
N GLN B 26 2.42 6.02 11.54
CA GLN B 26 1.51 5.03 12.07
C GLN B 26 0.69 4.34 10.96
N SER B 27 0.05 5.14 10.12
CA SER B 27 -0.80 4.61 9.06
C SER B 27 0.00 3.69 8.13
N THR B 28 1.26 4.04 7.92
CA THR B 28 2.10 3.28 7.00
C THR B 28 2.32 1.87 7.55
N VAL B 29 2.54 1.78 8.86
CA VAL B 29 2.73 0.50 9.52
C VAL B 29 1.44 -0.32 9.49
N GLU B 30 0.33 0.33 9.86
CA GLU B 30 -0.97 -0.33 9.84
C GLU B 30 -1.29 -0.94 8.47
N ASP B 31 -1.11 -0.13 7.43
CA ASP B 31 -1.55 -0.50 6.12
C ASP B 31 -0.70 -1.66 5.54
N PHE B 32 0.58 -1.61 5.84
CA PHE B 32 1.49 -2.69 5.45
C PHE B 32 1.03 -4.01 6.09
N ARG B 33 0.71 -3.94 7.38
CA ARG B 33 0.22 -5.14 8.07
C ARG B 33 -1.07 -5.67 7.46
N SER B 34 -2.04 -4.77 7.31
N SER B 34 -2.04 -4.77 7.28
N SER B 34 -2.03 -4.76 7.31
CA SER B 34 -3.37 -5.20 6.89
CA SER B 34 -3.37 -5.20 6.89
CA SER B 34 -3.36 -5.15 6.87
C SER B 34 -3.31 -5.80 5.49
C SER B 34 -3.38 -5.75 5.47
C SER B 34 -3.28 -5.81 5.51
N THR B 35 -2.58 -5.16 4.58
CA THR B 35 -2.46 -5.69 3.24
C THR B 35 -1.83 -7.08 3.22
N ASN B 36 -0.81 -7.27 4.05
CA ASN B 36 -0.12 -8.58 4.07
C ASN B 36 -1.01 -9.65 4.71
N GLN B 37 -1.75 -9.26 5.73
CA GLN B 37 -2.71 -10.19 6.33
C GLN B 37 -3.81 -10.60 5.38
N SER B 38 -4.36 -9.63 4.66
N SER B 38 -4.38 -9.66 4.64
CA SER B 38 -5.43 -9.94 3.71
CA SER B 38 -5.46 -10.02 3.74
C SER B 38 -4.91 -10.89 2.62
C SER B 38 -4.95 -10.81 2.53
N PHE B 39 -3.70 -10.62 2.14
CA PHE B 39 -3.05 -11.47 1.13
C PHE B 39 -2.97 -12.94 1.63
N THR B 40 -2.53 -13.06 2.86
CA THR B 40 -2.29 -14.36 3.42
C THR B 40 -3.63 -15.10 3.66
N ARG B 41 -4.67 -14.37 4.06
CA ARG B 41 -5.99 -15.01 4.17
C ARG B 41 -6.51 -15.51 2.82
N ALA B 42 -6.34 -14.70 1.79
CA ALA B 42 -6.78 -15.11 0.46
C ALA B 42 -6.07 -16.35 -0.04
N LEU B 43 -4.77 -16.44 0.27
CA LEU B 43 -4.00 -17.58 -0.15
C LEU B 43 -4.44 -18.83 0.62
N GLU B 44 -4.74 -18.66 1.92
CA GLU B 44 -5.31 -19.77 2.70
CA GLU B 44 -5.30 -19.79 2.68
C GLU B 44 -6.58 -20.31 2.07
N LYS B 45 -7.48 -19.39 1.70
CA LYS B 45 -8.77 -19.79 1.17
C LYS B 45 -8.61 -20.55 -0.13
N ASP B 46 -7.73 -20.10 -0.99
CA ASP B 46 -7.51 -20.79 -2.27
C ASP B 46 -6.85 -22.18 -2.07
N ILE B 47 -5.94 -22.32 -1.13
CA ILE B 47 -5.35 -23.61 -0.86
C ILE B 47 -6.42 -24.54 -0.29
N ALA B 48 -7.21 -24.05 0.66
CA ALA B 48 -8.26 -24.86 1.27
C ALA B 48 -9.44 -25.21 0.36
N ASN B 49 -9.56 -24.49 -0.74
N ASN B 49 -9.54 -24.47 -0.74
CA ASN B 49 -10.58 -24.77 -1.75
CA ASN B 49 -10.54 -24.73 -1.75
C ASN B 49 -10.17 -25.87 -2.74
C ASN B 49 -10.20 -25.96 -2.61
N LEU B 50 -8.93 -26.34 -2.64
CA LEU B 50 -8.52 -27.50 -3.37
C LEU B 50 -9.25 -28.71 -2.81
N PRO B 51 -9.56 -29.67 -3.67
CA PRO B 51 -10.19 -30.89 -3.11
C PRO B 51 -9.36 -31.62 -2.07
N TYR B 52 -10.03 -32.23 -1.11
CA TYR B 52 -9.34 -33.01 -0.07
C TYR B 52 -8.24 -33.89 -0.68
N GLN B 53 -8.56 -34.62 -1.74
CA GLN B 53 -7.62 -35.61 -2.27
C GLN B 53 -6.34 -34.93 -2.73
N SER B 54 -6.47 -33.69 -3.15
CA SER B 54 -5.37 -32.90 -3.67
C SER B 54 -4.43 -32.40 -2.58
N LEU B 55 -4.83 -32.53 -1.31
CA LEU B 55 -4.07 -31.96 -0.18
C LEU B 55 -3.42 -33.03 0.72
N ILE B 56 -3.51 -34.29 0.30
CA ILE B 56 -3.29 -35.46 1.17
C ILE B 56 -2.03 -36.31 0.89
N THR B 57 -1.50 -36.31 -0.33
CA THR B 57 -0.18 -36.86 -0.64
C THR B 57 0.81 -35.75 -1.01
N GLU B 58 2.10 -36.03 -0.82
CA GLU B 58 3.13 -35.06 -1.15
C GLU B 58 3.14 -34.71 -2.63
N GLU B 59 2.92 -35.72 -3.47
CA GLU B 59 2.86 -35.51 -4.93
C GLU B 59 1.73 -34.51 -5.28
N ASN B 60 0.56 -34.74 -4.71
CA ASN B 60 -0.62 -33.91 -4.99
C ASN B 60 -0.40 -32.50 -4.42
N ILE B 61 0.26 -32.40 -3.27
CA ILE B 61 0.55 -31.11 -2.68
C ILE B 61 1.53 -30.34 -3.60
N ILE B 62 2.62 -31.00 -4.00
CA ILE B 62 3.52 -30.39 -4.94
C ILE B 62 2.80 -29.90 -6.18
N ASN B 63 2.02 -30.77 -6.81
CA ASN B 63 1.38 -30.44 -8.09
C ASN B 63 0.24 -29.43 -8.03
N ASN B 64 -0.50 -29.41 -6.93
CA ASN B 64 -1.72 -28.61 -6.83
C ASN B 64 -1.52 -27.34 -5.98
N VAL B 65 -0.75 -27.44 -4.90
CA VAL B 65 -0.51 -26.28 -4.06
C VAL B 65 0.62 -25.42 -4.65
N GLY B 66 1.68 -26.04 -5.21
CA GLY B 66 2.82 -25.30 -5.69
C GLY B 66 2.47 -24.13 -6.62
N PRO B 67 1.63 -24.38 -7.63
CA PRO B 67 1.34 -23.26 -8.55
C PRO B 67 0.69 -22.09 -7.85
N ILE B 68 -0.17 -22.41 -6.89
CA ILE B 68 -0.88 -21.35 -6.13
C ILE B 68 0.15 -20.51 -5.39
N LEU B 69 1.05 -21.16 -4.65
CA LEU B 69 2.10 -20.43 -3.92
C LEU B 69 2.85 -19.51 -4.88
N LYS B 70 3.23 -20.03 -6.04
CA LYS B 70 4.04 -19.26 -6.98
C LYS B 70 3.28 -18.09 -7.57
N TYR B 71 2.04 -18.28 -8.00
CA TYR B 71 1.27 -17.17 -8.51
C TYR B 71 1.06 -16.09 -7.44
N TYR B 72 0.74 -16.52 -6.24
CA TYR B 72 0.60 -15.58 -5.13
C TYR B 72 1.90 -14.82 -4.86
N ARG B 73 3.02 -15.54 -4.81
CA ARG B 73 4.29 -14.90 -4.54
C ARG B 73 4.52 -13.79 -5.59
N HIS B 74 4.27 -14.12 -6.84
CA HIS B 74 4.51 -13.13 -7.92
C HIS B 74 3.59 -11.91 -7.82
N SER B 75 2.33 -12.16 -7.47
CA SER B 75 1.34 -11.12 -7.43
C SER B 75 1.68 -9.94 -6.51
N ILE B 76 2.39 -10.25 -5.40
N ILE B 76 2.43 -10.21 -5.44
CA ILE B 76 2.81 -9.25 -4.41
CA ILE B 76 2.87 -9.14 -4.55
C ILE B 76 4.36 -9.07 -4.30
C ILE B 76 4.37 -9.03 -4.35
N ASN B 77 5.12 -9.82 -5.10
CA ASN B 77 6.59 -9.85 -5.00
C ASN B 77 7.01 -10.17 -3.57
N ALA B 78 6.43 -11.24 -3.01
CA ALA B 78 6.90 -11.74 -1.73
C ALA B 78 8.26 -12.39 -1.89
N LEU B 79 8.97 -12.53 -0.76
CA LEU B 79 10.25 -13.22 -0.84
C LEU B 79 10.16 -14.74 -0.90
N ASN B 80 9.36 -15.29 0.01
CA ASN B 80 9.12 -16.72 0.08
C ASN B 80 7.63 -16.85 0.34
N VAL B 81 7.03 -17.87 -0.29
CA VAL B 81 5.66 -18.29 0.07
C VAL B 81 5.65 -19.81 0.13
N TYR B 82 5.15 -20.39 1.23
CA TYR B 82 5.40 -21.79 1.49
C TYR B 82 4.33 -22.45 2.34
N LEU B 83 4.27 -23.79 2.24
CA LEU B 83 3.41 -24.59 3.06
C LEU B 83 4.26 -25.61 3.84
N GLY B 84 4.32 -25.44 5.16
CA GLY B 84 5.02 -26.36 6.02
C GLY B 84 4.11 -27.49 6.45
N LEU B 85 4.59 -28.70 6.28
CA LEU B 85 3.79 -29.90 6.59
C LEU B 85 4.14 -30.44 7.97
N ASN B 86 3.23 -31.24 8.51
CA ASN B 86 3.43 -31.94 9.78
C ASN B 86 4.69 -32.79 9.82
N ASN B 87 5.10 -33.35 8.67
CA ASN B 87 6.25 -34.23 8.63
C ASN B 87 7.57 -33.47 8.57
N GLY B 88 7.45 -32.15 8.57
CA GLY B 88 8.60 -31.29 8.64
C GLY B 88 9.11 -30.84 7.29
N LYS B 89 8.54 -31.40 6.23
CA LYS B 89 8.84 -30.93 4.89
C LYS B 89 8.13 -29.61 4.63
N VAL B 90 8.71 -28.80 3.73
CA VAL B 90 8.08 -27.54 3.37
C VAL B 90 8.08 -27.36 1.85
N LEU B 91 6.91 -27.06 1.28
CA LEU B 91 6.81 -26.71 -0.11
C LEU B 91 7.11 -25.24 -0.26
N LEU B 92 8.23 -24.94 -0.92
CA LEU B 92 8.76 -23.59 -0.87
C LEU B 92 8.78 -22.97 -2.25
N SER B 93 8.09 -21.83 -2.38
CA SER B 93 8.18 -20.97 -3.57
C SER B 93 9.04 -19.75 -3.28
N GLN B 94 10.12 -19.60 -4.05
CA GLN B 94 10.96 -18.40 -3.97
C GLN B 94 11.59 -18.05 -5.32
N LYS B 95 12.28 -16.90 -5.43
CA LYS B 95 13.15 -16.61 -6.61
C LYS B 95 14.17 -17.76 -6.85
N SER B 96 14.30 -18.27 -8.08
CA SER B 96 15.35 -19.29 -8.36
C SER B 96 15.83 -19.26 -9.82
N LYS B 100 11.65 -22.96 -12.40
CA LYS B 100 11.41 -24.16 -11.62
C LYS B 100 10.18 -23.99 -10.75
N MET B 101 9.48 -25.09 -10.51
CA MET B 101 8.30 -25.06 -9.69
C MET B 101 8.72 -25.21 -8.24
N PRO B 102 7.84 -24.83 -7.32
CA PRO B 102 8.19 -25.02 -5.92
C PRO B 102 8.49 -26.49 -5.64
N GLU B 103 9.47 -26.69 -4.78
CA GLU B 103 9.85 -28.04 -4.39
C GLU B 103 9.75 -28.21 -2.88
N LEU B 104 9.66 -29.50 -2.50
CA LEU B 104 9.64 -29.88 -1.12
C LEU B 104 11.06 -29.91 -0.60
N ARG B 105 11.32 -29.13 0.44
CA ARG B 105 12.58 -29.19 1.14
C ARG B 105 12.38 -29.95 2.45
N ASP B 106 13.33 -30.81 2.80
CA ASP B 106 13.21 -31.57 4.03
C ASP B 106 14.23 -31.17 5.10
N ASP B 107 15.00 -30.13 4.85
CA ASP B 107 16.17 -29.83 5.66
C ASP B 107 16.12 -28.44 6.31
N LEU B 108 14.91 -27.92 6.55
CA LEU B 108 14.76 -26.57 7.09
C LEU B 108 14.18 -26.46 8.51
N ASP B 109 14.07 -27.58 9.21
CA ASP B 109 13.83 -27.54 10.65
C ASP B 109 12.59 -26.70 10.98
N ILE B 110 11.48 -26.96 10.31
CA ILE B 110 10.33 -26.06 10.46
C ILE B 110 9.49 -26.26 11.72
N LYS B 111 9.43 -27.50 12.25
CA LYS B 111 8.40 -27.86 13.24
C LYS B 111 8.59 -27.12 14.57
N THR B 112 9.81 -26.62 14.79
CA THR B 112 10.14 -25.91 15.99
C THR B 112 10.19 -24.38 15.83
N LYS B 113 9.88 -23.89 14.64
CA LYS B 113 9.88 -22.45 14.37
C LYS B 113 8.64 -21.73 14.93
N ASP B 114 8.81 -20.50 15.36
CA ASP B 114 7.71 -19.78 15.97
C ASP B 114 6.59 -19.59 14.92
N TRP B 115 6.94 -19.33 13.65
CA TRP B 115 5.89 -19.09 12.65
C TRP B 115 5.05 -20.34 12.53
N TYR B 116 5.69 -21.48 12.75
CA TYR B 116 5.01 -22.76 12.63
C TYR B 116 4.20 -23.04 13.90
N GLN B 117 4.86 -23.11 15.05
CA GLN B 117 4.17 -23.44 16.30
C GLN B 117 3.13 -22.41 16.73
N GLU B 118 3.40 -21.13 16.51
CA GLU B 118 2.42 -20.11 16.88
C GLU B 118 1.16 -20.19 16.07
N ALA B 119 1.29 -20.56 14.80
CA ALA B 119 0.14 -20.60 13.92
C ALA B 119 -0.79 -21.71 14.36
N LEU B 120 -0.24 -22.79 14.87
CA LEU B 120 -1.07 -23.91 15.32
C LEU B 120 -1.82 -23.57 16.60
N LYS B 121 -1.41 -22.52 17.32
CA LYS B 121 -2.03 -22.17 18.63
C LYS B 121 -3.06 -21.06 18.50
N THR B 122 -3.41 -20.70 17.27
CA THR B 122 -4.41 -19.65 17.04
C THR B 122 -5.11 -19.90 15.71
N ASN B 123 -6.29 -19.33 15.56
CA ASN B 123 -6.97 -19.40 14.28
C ASN B 123 -6.62 -18.12 13.52
N ASP B 124 -5.78 -17.28 14.12
CA ASP B 124 -5.39 -16.00 13.52
C ASP B 124 -4.16 -16.17 12.66
N ILE B 125 -3.90 -15.14 11.87
CA ILE B 125 -2.59 -14.99 11.31
C ILE B 125 -1.66 -14.62 12.42
N PHE B 126 -0.51 -15.26 12.44
CA PHE B 126 0.57 -14.88 13.30
C PHE B 126 1.51 -14.02 12.51
N VAL B 127 1.99 -12.97 13.17
CA VAL B 127 3.00 -12.10 12.56
C VAL B 127 4.28 -12.14 13.40
N THR B 128 5.38 -12.60 12.83
CA THR B 128 6.64 -12.74 13.58
C THR B 128 7.31 -11.39 13.71
N PRO B 129 8.12 -11.24 14.77
CA PRO B 129 9.11 -10.15 14.68
C PRO B 129 10.00 -10.39 13.48
N ALA B 130 10.66 -9.35 13.01
CA ALA B 130 11.64 -9.54 11.95
C ALA B 130 12.75 -10.50 12.41
N TYR B 131 13.27 -11.27 11.44
CA TYR B 131 14.38 -12.20 11.69
C TYR B 131 15.04 -12.52 10.34
N LEU B 132 16.22 -13.12 10.41
CA LEU B 132 17.01 -13.47 9.22
C LEU B 132 16.48 -14.76 8.61
N ASP B 133 15.88 -14.66 7.44
CA ASP B 133 15.43 -15.84 6.72
C ASP B 133 16.56 -16.86 6.59
N THR B 134 16.24 -18.12 6.92
CA THR B 134 17.18 -19.23 6.88
C THR B 134 17.69 -19.46 5.47
N VAL B 135 16.84 -19.26 4.48
CA VAL B 135 17.25 -19.53 3.11
C VAL B 135 17.97 -18.38 2.39
N LEU B 136 17.25 -17.28 2.10
CA LEU B 136 17.80 -16.20 1.27
C LEU B 136 18.55 -15.13 2.08
N LYS B 137 18.60 -15.31 3.40
CA LYS B 137 19.42 -14.48 4.29
C LYS B 137 19.13 -13.00 4.12
N GLN B 138 17.84 -12.67 4.06
CA GLN B 138 17.36 -11.33 4.24
C GLN B 138 16.49 -11.29 5.48
N TYR B 139 16.39 -10.10 6.06
CA TYR B 139 15.53 -9.94 7.21
C TYR B 139 14.09 -9.87 6.74
N VAL B 140 13.25 -10.72 7.32
CA VAL B 140 11.84 -10.84 6.91
C VAL B 140 10.88 -10.75 8.09
N ILE B 141 9.66 -10.31 7.77
CA ILE B 141 8.48 -10.47 8.60
C ILE B 141 7.69 -11.58 7.98
N THR B 142 7.36 -12.58 8.79
CA THR B 142 6.58 -13.72 8.33
C THR B 142 5.15 -13.65 8.86
N TYR B 143 4.20 -13.88 7.95
CA TYR B 143 2.81 -14.01 8.24
C TYR B 143 2.45 -15.48 8.04
N SER B 144 1.93 -16.11 9.09
CA SER B 144 1.62 -17.52 9.01
C SER B 144 0.23 -17.84 9.45
N LYS B 145 -0.28 -18.96 8.93
CA LYS B 145 -1.64 -19.36 9.19
C LYS B 145 -1.75 -20.85 9.03
N ALA B 146 -2.31 -21.50 10.04
CA ALA B 146 -2.59 -22.91 9.92
C ALA B 146 -3.74 -23.10 8.93
N ILE B 147 -3.55 -24.03 8.00
N ILE B 147 -3.52 -24.03 8.00
CA ILE B 147 -4.52 -24.31 6.96
CA ILE B 147 -4.49 -24.36 6.96
C ILE B 147 -5.21 -25.61 7.29
C ILE B 147 -5.21 -25.62 7.36
N TYR B 148 -6.54 -25.53 7.35
CA TYR B 148 -7.38 -26.69 7.60
C TYR B 148 -8.27 -26.96 6.38
N LYS B 149 -8.40 -28.25 6.12
CA LYS B 149 -9.34 -28.75 5.13
C LYS B 149 -10.31 -29.69 5.81
N ASP B 150 -11.61 -29.37 5.73
CA ASP B 150 -12.68 -30.09 6.43
C ASP B 150 -12.33 -30.32 7.91
N GLY B 151 -11.83 -29.26 8.53
CA GLY B 151 -11.36 -29.26 9.91
C GLY B 151 -10.08 -30.00 10.29
N LYS B 152 -9.37 -30.52 9.30
CA LYS B 152 -8.13 -31.27 9.52
C LYS B 152 -6.92 -30.44 9.11
N ILE B 153 -5.88 -30.46 9.93
CA ILE B 153 -4.69 -29.66 9.69
C ILE B 153 -3.97 -30.22 8.49
N ILE B 154 -3.78 -29.38 7.49
CA ILE B 154 -2.97 -29.75 6.32
C ILE B 154 -1.50 -29.29 6.51
N GLY B 155 -1.31 -28.10 7.09
CA GLY B 155 0.01 -27.55 7.27
C GLY B 155 -0.13 -26.13 7.68
N VAL B 156 1.01 -25.48 7.77
CA VAL B 156 1.10 -24.06 8.08
C VAL B 156 1.62 -23.30 6.88
N LEU B 157 0.79 -22.38 6.41
CA LEU B 157 1.18 -21.47 5.36
C LEU B 157 2.06 -20.39 5.93
N GLY B 158 3.07 -19.99 5.17
CA GLY B 158 3.88 -18.83 5.54
C GLY B 158 4.17 -17.96 4.35
N VAL B 159 4.19 -16.66 4.66
CA VAL B 159 4.52 -15.61 3.68
C VAL B 159 5.62 -14.74 4.27
N ASP B 160 6.76 -14.61 3.56
CA ASP B 160 7.85 -13.77 4.05
C ASP B 160 7.91 -12.51 3.20
N ILE B 161 7.84 -11.38 3.87
CA ILE B 161 8.02 -10.09 3.24
C ILE B 161 9.25 -9.41 3.83
N PRO B 162 10.23 -9.02 3.01
CA PRO B 162 11.44 -8.38 3.58
C PRO B 162 11.06 -7.22 4.49
N SER B 163 11.68 -7.13 5.67
CA SER B 163 11.44 -6.00 6.51
C SER B 163 11.96 -4.71 5.88
N GLU B 164 12.89 -4.85 4.94
CA GLU B 164 13.33 -3.70 4.15
C GLU B 164 12.21 -3.02 3.39
N ASP B 165 11.18 -3.76 3.00
CA ASP B 165 10.05 -3.13 2.34
C ASP B 165 9.33 -2.14 3.28
N LEU B 166 9.17 -2.51 4.54
CA LEU B 166 8.58 -1.59 5.54
C LEU B 166 9.53 -0.41 5.82
N GLN B 167 10.84 -0.65 5.97
N GLN B 167 10.82 -0.72 5.94
CA GLN B 167 11.78 0.49 6.09
CA GLN B 167 11.84 0.30 6.08
C GLN B 167 11.59 1.42 4.92
C GLN B 167 11.76 1.34 4.96
N ASN B 168 11.60 0.88 3.71
CA ASN B 168 11.50 1.75 2.54
C ASN B 168 10.24 2.61 2.55
N LEU B 169 9.10 2.02 2.93
CA LEU B 169 7.86 2.80 3.07
C LEU B 169 7.98 3.91 4.13
N VAL B 170 8.56 3.59 5.25
CA VAL B 170 8.73 4.58 6.32
C VAL B 170 9.67 5.69 5.91
N ALA B 171 10.73 5.32 5.17
CA ALA B 171 11.71 6.32 4.79
C ALA B 171 11.12 7.34 3.86
N LYS B 172 10.15 6.95 3.05
CA LYS B 172 9.51 7.87 2.11
C LYS B 172 8.52 8.85 2.74
N THR B 173 8.14 8.63 3.98
CA THR B 173 7.13 9.47 4.62
C THR B 173 7.76 10.82 4.94
N PRO B 174 6.97 11.89 5.00
CA PRO B 174 7.46 13.17 5.49
C PRO B 174 7.77 13.08 6.98
N GLY B 175 8.54 14.04 7.44
CA GLY B 175 8.85 14.15 8.86
C GLY B 175 10.01 13.27 9.26
N ASN B 176 10.65 13.65 10.37
CA ASN B 176 11.75 12.86 10.92
C ASN B 176 11.19 11.77 11.77
N THR B 177 10.56 10.81 11.09
CA THR B 177 9.91 9.72 11.76
C THR B 177 10.77 8.44 11.71
N PHE B 178 10.54 7.58 12.71
CA PHE B 178 11.30 6.37 12.86
C PHE B 178 10.55 5.34 13.67
N LEU B 179 10.92 4.09 13.47
N LEU B 179 11.08 4.14 13.70
CA LEU B 179 10.37 2.97 14.24
CA LEU B 179 10.34 2.99 14.21
C LEU B 179 11.40 2.26 15.06
C LEU B 179 11.29 2.08 14.95
N PHE B 180 10.95 1.78 16.21
CA PHE B 180 11.62 0.78 17.01
C PHE B 180 10.83 -0.51 17.02
N ASP B 181 11.56 -1.62 17.16
CA ASP B 181 10.96 -2.93 17.27
C ASP B 181 10.52 -3.22 18.70
N GLN B 182 9.98 -4.43 18.94
CA GLN B 182 9.50 -4.87 20.27
C GLN B 182 10.61 -4.83 21.32
N LYS B 183 11.87 -4.97 20.89
CA LYS B 183 13.00 -4.97 21.81
C LYS B 183 13.60 -3.56 21.98
N ASN B 184 12.91 -2.56 21.44
CA ASN B 184 13.37 -1.16 21.57
C ASN B 184 14.69 -0.93 20.84
N LYS B 185 14.87 -1.67 19.76
CA LYS B 185 15.99 -1.46 18.83
C LYS B 185 15.48 -0.74 17.58
N ILE B 186 16.26 0.24 17.15
CA ILE B 186 15.92 0.94 15.96
C ILE B 186 15.72 -0.03 14.79
N PHE B 187 14.65 0.23 14.04
CA PHE B 187 14.14 -0.66 13.02
C PHE B 187 13.99 0.01 11.65
N ALA B 188 13.49 1.24 11.60
CA ALA B 188 13.32 1.97 10.35
C ALA B 188 13.41 3.47 10.63
N ALA B 189 13.78 4.25 9.62
CA ALA B 189 13.94 5.66 9.82
C ALA B 189 13.90 6.37 8.48
N THR B 190 13.34 7.59 8.50
CA THR B 190 13.48 8.53 7.39
C THR B 190 14.90 9.00 7.23
N ASN B 191 15.50 9.41 8.34
CA ASN B 191 16.92 9.72 8.34
C ASN B 191 17.67 8.41 8.57
N LYS B 192 18.17 7.81 7.49
CA LYS B 192 18.81 6.49 7.59
C LYS B 192 20.08 6.54 8.46
N GLU B 193 20.57 7.72 8.86
CA GLU B 193 21.66 7.73 9.86
C GLU B 193 21.24 7.12 11.17
N LEU B 194 19.97 7.28 11.52
CA LEU B 194 19.47 6.88 12.82
C LEU B 194 19.59 5.35 12.96
N LEU B 195 19.80 4.64 11.85
CA LEU B 195 19.86 3.18 11.87
C LEU B 195 21.22 2.67 12.31
N ASN B 196 22.21 3.55 12.28
CA ASN B 196 23.56 3.18 12.62
C ASN B 196 23.60 2.85 14.11
N PRO B 197 24.30 1.79 14.48
CA PRO B 197 24.24 1.34 15.88
C PRO B 197 24.97 2.26 16.87
N SER B 198 25.74 3.22 16.36
CA SER B 198 26.42 4.20 17.24
C SER B 198 25.46 5.25 17.81
N ILE B 199 24.29 5.36 17.18
CA ILE B 199 23.31 6.35 17.65
C ILE B 199 22.67 5.84 18.93
N ASP B 200 22.72 6.70 19.93
CA ASP B 200 22.12 6.43 21.26
C ASP B 200 20.67 6.87 21.20
N HIS B 201 19.77 5.90 21.14
CA HIS B 201 18.33 6.16 21.22
C HIS B 201 17.72 6.09 22.63
N SER B 202 18.55 5.86 23.64
N SER B 202 18.56 5.90 23.65
CA SER B 202 18.09 5.85 25.02
CA SER B 202 18.09 5.85 25.04
C SER B 202 17.39 7.16 25.44
C SER B 202 17.46 7.16 25.54
N PRO B 203 17.94 8.32 25.06
CA PRO B 203 17.24 9.52 25.54
C PRO B 203 15.80 9.62 25.03
N VAL B 204 15.57 9.29 23.77
CA VAL B 204 14.21 9.44 23.24
C VAL B 204 13.31 8.35 23.84
N LEU B 205 13.82 7.14 23.99
CA LEU B 205 13.05 6.04 24.58
C LEU B 205 12.74 6.26 26.03
N ASN B 206 13.71 6.77 26.79
CA ASN B 206 13.50 7.04 28.22
C ASN B 206 12.48 8.15 28.41
N ALA B 207 12.51 9.17 27.55
CA ALA B 207 11.51 10.24 27.65
C ALA B 207 10.12 9.76 27.25
N TYR B 208 10.04 8.92 26.23
CA TYR B 208 8.75 8.31 25.88
C TYR B 208 8.11 7.52 27.03
N LYS B 209 8.93 6.78 27.75
CA LYS B 209 8.48 5.99 28.88
C LYS B 209 7.74 6.84 29.90
N LEU B 210 8.14 8.10 30.04
CA LEU B 210 7.50 8.97 31.02
C LEU B 210 6.18 9.56 30.53
N ASN B 211 5.93 9.52 29.22
CA ASN B 211 4.89 10.39 28.63
C ASN B 211 3.69 9.74 27.97
N GLY B 212 3.85 8.53 27.50
CA GLY B 212 2.75 7.98 26.75
C GLY B 212 2.40 8.54 25.38
N ASP B 213 1.43 7.88 24.77
CA ASP B 213 1.31 7.97 23.30
C ASP B 213 0.87 9.36 22.84
N ASN B 214 1.60 9.85 21.84
N ASN B 214 1.60 9.87 21.86
CA ASN B 214 1.30 11.10 21.15
CA ASN B 214 1.32 11.10 21.15
C ASN B 214 1.34 12.32 22.05
C ASN B 214 1.56 12.37 21.95
N ASN B 215 2.06 12.20 23.17
CA ASN B 215 2.34 13.35 24.05
C ASN B 215 3.76 13.84 23.88
N PHE B 216 3.89 15.11 23.55
CA PHE B 216 5.21 15.68 23.29
C PHE B 216 6.09 15.84 24.52
N PHE B 217 7.39 15.60 24.33
CA PHE B 217 8.35 15.64 25.40
C PHE B 217 9.65 16.26 24.95
N SER B 218 10.40 16.79 25.93
CA SER B 218 11.75 17.24 25.72
C SER B 218 12.72 16.14 26.09
N TYR B 219 13.80 16.06 25.31
CA TYR B 219 14.95 15.25 25.66
C TYR B 219 16.21 15.90 25.09
N LYS B 220 17.35 15.33 25.42
CA LYS B 220 18.65 15.90 25.06
C LYS B 220 19.51 14.77 24.52
N LEU B 221 20.14 14.99 23.36
CA LEU B 221 21.22 14.11 22.92
C LEU B 221 22.45 14.87 22.44
N ASN B 222 23.63 14.45 22.89
CA ASN B 222 24.88 15.19 22.54
C ASN B 222 24.77 16.71 22.88
N ASN B 223 24.10 17.01 23.99
CA ASN B 223 23.86 18.39 24.41
C ASN B 223 22.97 19.24 23.47
N GLU B 224 22.24 18.61 22.56
CA GLU B 224 21.19 19.28 21.80
C GLU B 224 19.87 18.97 22.45
N GLU B 225 19.09 20.02 22.67
CA GLU B 225 17.70 19.91 23.12
C GLU B 225 16.80 19.62 21.95
N ARG B 226 15.93 18.65 22.14
CA ARG B 226 15.03 18.17 21.10
C ARG B 226 13.64 17.98 21.68
N LEU B 227 12.67 17.86 20.76
CA LEU B 227 11.29 17.62 21.08
C LEU B 227 10.85 16.39 20.31
N GLY B 228 10.12 15.51 20.98
CA GLY B 228 9.64 14.28 20.39
C GLY B 228 8.27 13.85 20.87
N ALA B 229 7.68 12.96 20.09
CA ALA B 229 6.54 12.18 20.55
C ALA B 229 6.62 10.80 19.92
N CYS B 230 6.14 9.79 20.66
CA CYS B 230 6.06 8.45 20.13
C CYS B 230 4.67 7.87 20.40
N THR B 231 4.36 6.79 19.69
CA THR B 231 3.17 6.02 19.96
C THR B 231 3.45 4.55 19.65
N LYS B 232 2.74 3.66 20.33
CA LYS B 232 2.78 2.26 20.00
C LYS B 232 1.95 1.99 18.74
N VAL B 233 2.48 1.14 17.86
CA VAL B 233 1.75 0.67 16.68
C VAL B 233 2.01 -0.81 16.57
N PHE B 234 1.03 -1.62 17.01
CA PHE B 234 1.31 -3.02 17.29
C PHE B 234 2.49 -3.13 18.25
N ALA B 235 3.50 -3.94 17.95
CA ALA B 235 4.61 -4.09 18.88
C ALA B 235 5.70 -3.08 18.60
N TYR B 236 5.51 -2.28 17.55
CA TYR B 236 6.50 -1.22 17.27
C TYR B 236 6.23 0.01 18.11
N THR B 237 7.24 0.86 18.21
CA THR B 237 7.12 2.22 18.68
C THR B 237 7.50 3.17 17.54
N ALA B 238 6.56 4.01 17.15
CA ALA B 238 6.82 5.03 16.13
C ALA B 238 7.10 6.36 16.81
N CYS B 239 8.09 7.12 16.32
CA CYS B 239 8.42 8.38 16.92
C CYS B 239 8.61 9.41 15.82
N ILE B 240 8.51 10.66 16.25
CA ILE B 240 8.97 11.82 15.50
C ILE B 240 9.74 12.73 16.43
N THR B 241 10.86 13.30 15.93
CA THR B 241 11.58 14.26 16.75
C THR B 241 12.03 15.41 15.90
N GLU B 242 12.33 16.50 16.56
CA GLU B 242 12.87 17.68 15.91
C GLU B 242 13.79 18.40 16.89
N SER B 243 14.78 19.15 16.38
CA SER B 243 15.58 20.03 17.21
C SER B 243 14.70 21.07 17.90
N ALA B 244 14.99 21.42 19.16
CA ALA B 244 14.29 22.53 19.81
C ALA B 244 14.46 23.85 19.04
N ASP B 245 15.62 23.97 18.41
CA ASP B 245 15.91 25.19 17.67
C ASP B 245 15.30 25.23 16.26
N ILE B 246 14.61 24.17 15.87
N ILE B 246 14.67 24.13 15.87
CA ILE B 246 13.77 24.22 14.68
CA ILE B 246 13.78 24.13 14.70
C ILE B 246 12.29 24.29 15.03
C ILE B 246 12.36 24.41 15.11
N ILE B 247 11.91 23.75 16.19
CA ILE B 247 10.57 24.02 16.78
C ILE B 247 10.40 25.50 17.10
N ASN B 248 11.41 26.05 17.77
CA ASN B 248 11.45 27.46 18.12
C ASN B 248 12.73 28.07 17.56
N LYS B 249 12.64 28.62 16.35
CA LYS B 249 13.84 29.08 15.63
C LYS B 249 14.37 30.33 16.33
N PRO B 250 15.60 30.26 16.87
CA PRO B 250 16.08 31.42 17.64
C PRO B 250 16.43 32.61 16.73
N ILE B 251 16.11 33.81 17.21
CA ILE B 251 16.48 35.02 16.46
C ILE B 251 18.01 35.11 16.31
N TYR B 252 18.72 34.72 17.37
CA TYR B 252 20.18 34.65 17.37
C TYR B 252 20.69 33.22 17.58
N LYS B 253 21.42 32.67 16.60
CA LYS B 253 21.85 31.28 16.63
C LYS B 253 22.99 31.11 17.62
N ALA B 254 23.06 29.96 18.28
CA ALA B 254 24.10 29.70 19.27
C ALA B 254 25.52 29.75 18.74
N I2M C . -15.07 -3.78 -16.85
CA I2M C . -14.89 -4.23 -18.25
CB I2M C . -15.30 -5.68 -18.54
CG3 I2M C . -14.89 -6.49 -17.30
CG2 I2M C . -16.80 -5.85 -18.82
CG1 I2M C . -14.53 -6.14 -19.82
CD1 I2M C . -14.58 -7.64 -20.14
C I2M C . -15.77 -3.35 -19.14
O I2M C . -16.73 -2.76 -18.60
OXT I2M C . -15.46 -3.20 -20.36
S SO4 D . -15.14 -15.64 -5.54
O1 SO4 D . -14.93 -14.16 -5.47
O2 SO4 D . -16.47 -15.93 -6.14
O3 SO4 D . -14.07 -16.18 -6.36
O4 SO4 D . -15.21 -16.28 -4.20
CL CL E . -4.61 4.58 -10.65
NA NA F . -14.70 2.16 -22.87
NA NA G . -6.74 14.32 3.95
N I2M H . 11.84 -17.80 6.42
CA I2M H . 11.51 -19.13 6.90
CB I2M H . 11.64 -20.23 5.82
CG3 I2M H . 11.19 -19.69 4.46
CG2 I2M H . 13.06 -20.83 5.70
CG1 I2M H . 10.69 -21.35 6.29
CD1 I2M H . 10.54 -22.58 5.39
C I2M H . 12.42 -19.46 8.09
O I2M H . 12.01 -20.25 8.98
OXT I2M H . 13.55 -18.92 8.14
S SO4 I . 10.84 -16.17 -10.21
O1 SO4 I . 10.80 -15.32 -11.43
O2 SO4 I . 9.63 -17.01 -10.04
O3 SO4 I . 12.01 -17.09 -10.30
O4 SO4 I . 10.97 -15.27 -9.00
CL CL J . 3.36 -6.24 9.73
CL CL K . -2.85 0.61 15.58
NA NA L . 15.58 -1.46 -1.18
#